data_2N30
#
_entry.id   2N30
#
_entity_poly.entity_id   1
_entity_poly.type   'polypeptide(L)'
_entity_poly.pdbx_seq_one_letter_code
;(ACE)FEDLPNFGHIQVKVFNHGEHIHH(NH2)
;
_entity_poly.pdbx_strand_id   A
#
loop_
_chem_comp.id
_chem_comp.type
_chem_comp.name
_chem_comp.formula
ACE non-polymer 'ACETYL GROUP' 'C2 H4 O'
NH2 non-polymer 'AMINO GROUP' 'H2 N'
#
# COMPACT_ATOMS: atom_id res chain seq x y z
C ACE A 1 1.76 5.98 10.41
O ACE A 1 2.94 5.70 10.66
CH3 ACE A 1 0.67 5.05 10.83
H1 ACE A 1 0.87 4.66 11.85
H2 ACE A 1 -0.31 5.57 10.84
H3 ACE A 1 0.61 4.19 10.12
N PHE A 2 1.40 7.11 9.77
CA PHE A 2 2.33 8.09 9.28
C PHE A 2 2.64 9.04 10.41
N GLU A 3 3.82 8.87 11.01
CA GLU A 3 4.35 9.78 11.99
C GLU A 3 5.83 9.68 11.81
N ASP A 4 6.35 10.49 10.85
CA ASP A 4 7.74 10.61 10.42
C ASP A 4 7.99 9.61 9.33
N LEU A 5 7.75 8.34 9.68
CA LEU A 5 7.89 7.18 8.82
C LEU A 5 6.50 6.94 8.28
N PRO A 6 6.23 6.94 6.99
CA PRO A 6 4.90 6.66 6.45
C PRO A 6 4.64 5.17 6.45
N ASN A 7 4.18 4.62 7.60
CA ASN A 7 3.81 3.23 7.73
C ASN A 7 2.42 3.03 7.20
N PHE A 8 1.63 4.13 7.19
CA PHE A 8 0.32 4.18 6.59
C PHE A 8 0.46 4.26 5.10
N GLY A 9 1.53 4.92 4.61
CA GLY A 9 1.82 5.05 3.19
C GLY A 9 2.31 3.76 2.61
N HIS A 10 2.90 2.88 3.46
CA HIS A 10 3.36 1.55 3.09
C HIS A 10 2.20 0.60 3.08
N ILE A 11 1.11 0.92 3.83
CA ILE A 11 -0.10 0.13 3.91
C ILE A 11 -0.94 0.35 2.67
N GLN A 12 -0.81 1.54 2.03
CA GLN A 12 -1.55 1.90 0.84
C GLN A 12 -0.93 1.28 -0.39
N VAL A 13 0.26 0.67 -0.28
CA VAL A 13 0.92 -0.05 -1.36
C VAL A 13 0.19 -1.34 -1.63
N LYS A 14 -0.41 -1.91 -0.56
CA LYS A 14 -1.15 -3.15 -0.60
C LYS A 14 -2.52 -2.90 -1.20
N VAL A 15 -3.03 -1.66 -1.08
CA VAL A 15 -4.31 -1.23 -1.62
C VAL A 15 -4.17 -1.03 -3.11
N PHE A 16 -2.97 -0.59 -3.58
CA PHE A 16 -2.70 -0.36 -4.98
C PHE A 16 -2.53 -1.67 -5.70
N ASN A 17 -1.97 -2.69 -5.00
CA ASN A 17 -1.74 -4.02 -5.54
C ASN A 17 -3.03 -4.79 -5.61
N HIS A 18 -3.99 -4.46 -4.71
CA HIS A 18 -5.30 -5.07 -4.66
C HIS A 18 -6.13 -4.58 -5.82
N GLY A 19 -6.08 -3.27 -6.12
CA GLY A 19 -6.87 -2.65 -7.17
C GLY A 19 -6.30 -2.92 -8.53
N GLU A 20 -5.06 -3.46 -8.60
CA GLU A 20 -4.36 -3.76 -9.82
C GLU A 20 -4.73 -5.16 -10.25
N HIS A 21 -4.30 -6.17 -9.46
CA HIS A 21 -4.30 -7.55 -9.87
C HIS A 21 -5.57 -8.24 -9.45
N ILE A 22 -5.82 -8.27 -8.12
CA ILE A 22 -6.84 -9.07 -7.49
C ILE A 22 -8.03 -8.22 -7.16
N HIS A 23 -8.44 -7.34 -8.12
CA HIS A 23 -9.57 -6.47 -7.97
C HIS A 23 -10.84 -7.25 -8.15
N HIS A 24 -11.78 -7.10 -7.20
CA HIS A 24 -13.01 -7.85 -7.15
C HIS A 24 -14.13 -6.91 -7.61
N NH2 A 25 -14.82 -7.27 -8.73
HN1 NH2 A 25 -15.56 -6.70 -9.08
HN2 NH2 A 25 -14.59 -8.12 -9.20
C ACE A 1 5.93 9.14 12.63
O ACE A 1 4.87 9.74 12.79
CH3 ACE A 1 7.23 9.87 12.71
H1 ACE A 1 7.12 10.79 13.32
H2 ACE A 1 8.01 9.24 13.17
H3 ACE A 1 7.57 10.17 11.69
N PHE A 2 6.02 7.80 12.40
CA PHE A 2 4.91 6.87 12.34
C PHE A 2 4.12 7.05 11.08
N GLU A 3 3.06 7.89 11.12
CA GLU A 3 2.17 8.15 10.00
C GLU A 3 2.83 9.13 9.03
N ASP A 4 3.85 9.88 9.50
CA ASP A 4 4.66 10.76 8.68
C ASP A 4 5.59 9.96 7.83
N LEU A 5 6.02 8.79 8.37
CA LEU A 5 6.82 7.80 7.70
C LEU A 5 5.87 6.86 6.97
N PRO A 6 6.34 5.93 6.15
CA PRO A 6 5.50 4.89 5.57
C PRO A 6 5.06 3.84 6.59
N ASN A 7 4.00 4.12 7.36
CA ASN A 7 3.30 3.16 8.18
C ASN A 7 2.02 2.91 7.43
N PHE A 8 1.26 4.01 7.26
CA PHE A 8 0.01 4.07 6.55
C PHE A 8 0.32 4.24 5.08
N GLY A 9 1.50 4.82 4.75
CA GLY A 9 1.95 5.02 3.39
C GLY A 9 2.43 3.73 2.78
N HIS A 10 2.86 2.76 3.63
CA HIS A 10 3.28 1.45 3.21
C HIS A 10 2.09 0.55 3.09
N ILE A 11 1.01 0.84 3.86
CA ILE A 11 -0.24 0.09 3.85
C ILE A 11 -1.01 0.40 2.59
N GLN A 12 -0.76 1.60 2.00
CA GLN A 12 -1.41 2.10 0.82
C GLN A 12 -0.87 1.41 -0.43
N VAL A 13 0.32 0.76 -0.32
CA VAL A 13 0.96 0.03 -1.39
C VAL A 13 0.23 -1.26 -1.65
N LYS A 14 -0.41 -1.81 -0.60
CA LYS A 14 -1.16 -3.05 -0.67
C LYS A 14 -2.51 -2.79 -1.29
N VAL A 15 -3.01 -1.53 -1.21
CA VAL A 15 -4.27 -1.11 -1.80
C VAL A 15 -4.08 -0.95 -3.29
N PHE A 16 -2.87 -0.51 -3.71
CA PHE A 16 -2.50 -0.33 -5.10
C PHE A 16 -2.33 -1.67 -5.78
N ASN A 17 -1.91 -2.71 -5.02
CA ASN A 17 -1.69 -4.03 -5.57
C ASN A 17 -2.96 -4.86 -5.50
N HIS A 18 -3.98 -4.39 -4.73
CA HIS A 18 -5.23 -5.10 -4.59
C HIS A 18 -6.08 -4.81 -5.80
N GLY A 19 -6.40 -3.52 -6.03
CA GLY A 19 -7.31 -3.11 -7.06
C GLY A 19 -6.62 -2.81 -8.36
N GLU A 20 -5.26 -2.90 -8.40
CA GLU A 20 -4.43 -2.56 -9.54
C GLU A 20 -4.56 -1.10 -9.89
N HIS A 21 -4.54 -0.23 -8.84
CA HIS A 21 -4.52 1.20 -8.96
C HIS A 21 -3.08 1.58 -9.01
N ILE A 22 -2.76 2.67 -9.76
CA ILE A 22 -1.43 3.14 -10.08
C ILE A 22 -0.67 2.02 -10.77
N HIS A 23 -1.10 1.68 -12.00
CA HIS A 23 -0.63 0.52 -12.71
C HIS A 23 -0.86 0.79 -14.16
N HIS A 24 -0.13 0.05 -15.03
CA HIS A 24 -0.20 0.21 -16.46
C HIS A 24 -1.38 -0.65 -16.97
N NH2 A 25 -2.41 0.04 -17.54
HN1 NH2 A 25 -2.38 1.04 -17.61
HN2 NH2 A 25 -3.21 -0.45 -17.90
C ACE A 1 0.63 2.59 14.82
O ACE A 1 0.48 2.51 16.04
CH3 ACE A 1 0.63 1.35 13.99
H1 ACE A 1 1.38 0.63 14.35
H2 ACE A 1 -0.37 0.86 14.01
H3 ACE A 1 0.86 1.60 12.92
N PHE A 2 0.80 3.75 14.16
CA PHE A 2 0.77 5.08 14.75
C PHE A 2 1.93 5.29 15.69
N GLU A 3 3.13 4.86 15.24
CA GLU A 3 4.37 5.00 15.97
C GLU A 3 5.25 5.97 15.24
N ASP A 4 4.67 6.71 14.25
CA ASP A 4 5.37 7.59 13.33
C ASP A 4 6.29 6.78 12.45
N LEU A 5 5.75 5.65 11.94
CA LEU A 5 6.47 4.64 11.19
C LEU A 5 6.24 4.90 9.71
N PRO A 6 7.09 4.40 8.81
CA PRO A 6 6.92 4.60 7.37
C PRO A 6 6.02 3.54 6.78
N ASN A 7 5.29 2.82 7.64
CA ASN A 7 4.41 1.73 7.25
C ASN A 7 3.01 2.25 7.07
N PHE A 8 2.81 3.59 7.16
CA PHE A 8 1.60 4.27 6.78
C PHE A 8 1.43 4.20 5.28
N GLY A 9 2.57 4.39 4.55
CA GLY A 9 2.61 4.40 3.12
C GLY A 9 2.65 3.01 2.55
N HIS A 10 2.96 2.00 3.40
CA HIS A 10 2.98 0.60 3.01
C HIS A 10 1.57 0.08 2.90
N ILE A 11 0.64 0.67 3.69
CA ILE A 11 -0.76 0.31 3.72
C ILE A 11 -1.42 0.84 2.46
N GLN A 12 -0.97 2.01 1.96
CA GLN A 12 -1.51 2.63 0.77
C GLN A 12 -1.15 1.82 -0.46
N VAL A 13 0.10 1.31 -0.51
CA VAL A 13 0.64 0.53 -1.63
C VAL A 13 -0.02 -0.81 -1.69
N LYS A 14 -0.45 -1.35 -0.54
CA LYS A 14 -1.11 -2.62 -0.40
C LYS A 14 -2.47 -2.62 -1.06
N VAL A 15 -3.19 -1.49 -0.98
CA VAL A 15 -4.50 -1.29 -1.56
C VAL A 15 -4.38 -1.14 -3.06
N PHE A 16 -3.30 -0.49 -3.54
CA PHE A 16 -3.07 -0.23 -4.95
C PHE A 16 -2.66 -1.49 -5.67
N ASN A 17 -1.97 -2.41 -4.95
CA ASN A 17 -1.45 -3.66 -5.46
C ASN A 17 -2.57 -4.66 -5.55
N HIS A 18 -3.57 -4.56 -4.63
CA HIS A 18 -4.72 -5.43 -4.60
C HIS A 18 -5.68 -5.03 -5.69
N GLY A 19 -5.81 -3.70 -5.93
CA GLY A 19 -6.72 -3.13 -6.90
C GLY A 19 -6.21 -3.25 -8.30
N GLU A 20 -4.91 -3.60 -8.47
CA GLU A 20 -4.30 -3.90 -9.74
C GLU A 20 -4.36 -5.39 -9.87
N HIS A 21 -3.35 -6.10 -9.30
CA HIS A 21 -3.25 -7.55 -9.21
C HIS A 21 -3.30 -8.19 -10.58
N ILE A 22 -4.22 -9.16 -10.77
CA ILE A 22 -4.50 -9.79 -12.03
C ILE A 22 -5.76 -9.11 -12.46
N HIS A 23 -6.86 -9.50 -11.80
CA HIS A 23 -8.16 -8.89 -11.89
C HIS A 23 -8.23 -7.89 -10.78
N HIS A 24 -8.99 -6.79 -10.98
CA HIS A 24 -9.09 -5.70 -10.05
C HIS A 24 -9.92 -6.13 -8.82
N NH2 A 25 -9.33 -5.93 -7.61
HN1 NH2 A 25 -8.41 -5.54 -7.56
HN2 NH2 A 25 -9.80 -6.20 -6.76
C ACE A 1 6.63 1.68 18.84
O ACE A 1 5.43 1.79 18.57
CH3 ACE A 1 7.12 0.61 19.75
H1 ACE A 1 6.26 0.02 20.15
H2 ACE A 1 7.79 -0.09 19.20
H3 ACE A 1 7.68 1.05 20.60
N PHE A 2 7.58 2.51 18.34
CA PHE A 2 7.31 3.59 17.42
C PHE A 2 7.36 3.02 16.02
N GLU A 3 8.58 2.70 15.56
CA GLU A 3 8.91 2.19 14.25
C GLU A 3 8.88 3.32 13.24
N ASP A 4 10.05 3.60 12.61
CA ASP A 4 10.27 4.78 11.81
C ASP A 4 10.00 4.50 10.35
N LEU A 5 9.38 3.33 10.04
CA LEU A 5 9.01 2.95 8.69
C LEU A 5 7.72 3.66 8.36
N PRO A 6 7.44 3.99 7.10
CA PRO A 6 6.15 4.52 6.68
C PRO A 6 5.14 3.38 6.62
N ASN A 7 4.47 3.08 7.75
CA ASN A 7 3.60 1.94 7.90
C ASN A 7 2.27 2.20 7.25
N PHE A 8 1.88 3.49 7.20
CA PHE A 8 0.66 3.95 6.58
C PHE A 8 0.86 4.05 5.09
N GLY A 9 2.12 4.20 4.65
CA GLY A 9 2.50 4.26 3.26
C GLY A 9 2.62 2.88 2.67
N HIS A 10 2.76 1.84 3.52
CA HIS A 10 2.84 0.46 3.10
C HIS A 10 1.45 -0.08 2.89
N ILE A 11 0.46 0.50 3.62
CA ILE A 11 -0.95 0.15 3.53
C ILE A 11 -1.52 0.80 2.29
N GLN A 12 -0.99 1.98 1.91
CA GLN A 12 -1.42 2.74 0.77
C GLN A 12 -1.09 2.04 -0.52
N VAL A 13 0.13 1.44 -0.59
CA VAL A 13 0.65 0.76 -1.75
C VAL A 13 0.08 -0.65 -1.83
N LYS A 14 -0.44 -1.18 -0.71
CA LYS A 14 -1.06 -2.47 -0.62
C LYS A 14 -2.43 -2.43 -1.28
N VAL A 15 -3.09 -1.25 -1.26
CA VAL A 15 -4.37 -1.02 -1.91
C VAL A 15 -4.13 -0.89 -3.40
N PHE A 16 -2.95 -0.37 -3.82
CA PHE A 16 -2.60 -0.22 -5.21
C PHE A 16 -2.14 -1.53 -5.81
N ASN A 17 -1.86 -2.55 -4.97
CA ASN A 17 -1.47 -3.88 -5.43
C ASN A 17 -2.69 -4.75 -5.53
N HIS A 18 -3.53 -4.78 -4.47
CA HIS A 18 -4.69 -5.63 -4.40
C HIS A 18 -5.76 -5.17 -5.36
N GLY A 19 -5.97 -3.84 -5.42
CA GLY A 19 -6.98 -3.23 -6.25
C GLY A 19 -6.46 -2.88 -7.61
N GLU A 20 -5.11 -2.94 -7.82
CA GLU A 20 -4.46 -2.60 -9.07
C GLU A 20 -4.68 -1.13 -9.40
N HIS A 21 -4.39 -0.24 -8.42
CA HIS A 21 -4.44 1.19 -8.52
C HIS A 21 -5.82 1.65 -8.93
N ILE A 22 -5.90 2.46 -10.02
CA ILE A 22 -7.13 2.82 -10.68
C ILE A 22 -7.28 1.92 -11.87
N HIS A 23 -6.13 1.59 -12.49
CA HIS A 23 -6.03 0.62 -13.55
C HIS A 23 -4.56 0.31 -13.64
N HIS A 24 -4.25 -1.01 -13.68
CA HIS A 24 -2.92 -1.54 -13.89
C HIS A 24 -1.86 -0.98 -12.91
N NH2 A 25 -2.05 -1.25 -11.58
HN1 NH2 A 25 -2.86 -1.77 -11.30
HN2 NH2 A 25 -1.41 -0.91 -10.91
C ACE A 1 12.02 12.44 15.64
O ACE A 1 12.83 12.09 14.78
CH3 ACE A 1 11.72 13.89 15.86
H1 ACE A 1 11.96 14.17 16.90
H2 ACE A 1 12.33 14.51 15.17
H3 ACE A 1 10.64 14.08 15.67
N PHE A 2 11.37 11.56 16.44
CA PHE A 2 11.48 10.13 16.32
C PHE A 2 10.26 9.67 15.57
N GLU A 3 10.45 8.69 14.65
CA GLU A 3 9.43 8.07 13.85
C GLU A 3 8.84 9.04 12.86
N ASP A 4 9.48 9.12 11.66
CA ASP A 4 9.04 9.95 10.57
C ASP A 4 8.92 9.03 9.38
N LEU A 5 8.34 7.83 9.63
CA LEU A 5 8.18 6.79 8.66
C LEU A 5 6.81 6.93 8.06
N PRO A 6 6.60 6.84 6.74
CA PRO A 6 5.29 6.61 6.15
C PRO A 6 4.83 5.21 6.45
N ASN A 7 4.15 5.01 7.61
CA ASN A 7 3.77 3.72 8.12
C ASN A 7 2.55 3.24 7.39
N PHE A 8 1.60 4.18 7.20
CA PHE A 8 0.35 3.98 6.51
C PHE A 8 0.54 4.25 5.05
N GLY A 9 1.77 4.65 4.64
CA GLY A 9 2.18 4.80 3.27
C GLY A 9 2.68 3.49 2.74
N HIS A 10 2.78 2.45 3.62
CA HIS A 10 3.09 1.10 3.24
C HIS A 10 1.81 0.37 2.96
N ILE A 11 0.74 0.74 3.71
CA ILE A 11 -0.60 0.18 3.60
C ILE A 11 -1.23 0.70 2.33
N GLN A 12 -0.79 1.88 1.85
CA GLN A 12 -1.18 2.49 0.61
C GLN A 12 -0.85 1.61 -0.58
N VAL A 13 0.33 0.93 -0.52
CA VAL A 13 0.87 0.12 -1.59
C VAL A 13 0.15 -1.21 -1.67
N LYS A 14 -0.39 -1.68 -0.52
CA LYS A 14 -1.10 -2.93 -0.41
C LYS A 14 -2.43 -2.86 -1.10
N VAL A 15 -3.12 -1.68 -0.98
CA VAL A 15 -4.41 -1.40 -1.57
C VAL A 15 -4.23 -1.10 -3.03
N PHE A 16 -3.04 -0.57 -3.41
CA PHE A 16 -2.68 -0.23 -4.78
C PHE A 16 -2.51 -1.48 -5.61
N ASN A 17 -1.91 -2.53 -5.02
CA ASN A 17 -1.61 -3.78 -5.68
C ASN A 17 -2.81 -4.69 -5.66
N HIS A 18 -3.78 -4.42 -4.74
CA HIS A 18 -4.99 -5.19 -4.62
C HIS A 18 -5.94 -4.85 -5.75
N GLY A 19 -6.16 -3.54 -5.98
CA GLY A 19 -7.09 -3.05 -6.97
C GLY A 19 -6.50 -3.07 -8.34
N GLU A 20 -5.16 -2.86 -8.43
CA GLU A 20 -4.37 -2.85 -9.65
C GLU A 20 -4.72 -1.68 -10.53
N HIS A 21 -5.05 -0.53 -9.90
CA HIS A 21 -5.44 0.69 -10.55
C HIS A 21 -4.21 1.53 -10.81
N ILE A 22 -4.39 2.62 -11.58
CA ILE A 22 -3.33 3.52 -12.02
C ILE A 22 -3.25 4.61 -11.00
N HIS A 23 -4.41 5.24 -10.75
CA HIS A 23 -4.61 6.27 -9.78
C HIS A 23 -5.05 5.62 -8.51
N HIS A 24 -4.39 5.96 -7.38
CA HIS A 24 -4.70 5.39 -6.09
C HIS A 24 -5.93 6.11 -5.49
N NH2 A 25 -5.79 7.44 -5.20
HN1 NH2 A 25 -4.92 7.90 -5.40
HN2 NH2 A 25 -6.55 7.95 -4.81
C ACE A 1 8.08 0.36 14.18
O ACE A 1 8.04 0.83 15.32
CH3 ACE A 1 6.82 0.18 13.39
H1 ACE A 1 6.00 -0.19 14.05
H2 ACE A 1 6.52 1.14 12.93
H3 ACE A 1 6.98 -0.58 12.59
N PHE A 2 9.23 -0.02 13.58
CA PHE A 2 10.52 0.04 14.22
C PHE A 2 11.13 1.38 13.95
N GLU A 3 11.16 2.24 15.00
CA GLU A 3 11.71 3.57 15.06
C GLU A 3 10.79 4.51 14.33
N ASP A 4 10.99 4.62 13.01
CA ASP A 4 10.25 5.48 12.13
C ASP A 4 10.05 4.68 10.88
N LEU A 5 9.19 3.64 10.97
CA LEU A 5 8.89 2.76 9.86
C LEU A 5 7.58 3.27 9.30
N PRO A 6 7.46 3.67 8.04
CA PRO A 6 6.20 4.09 7.45
C PRO A 6 5.37 2.88 7.09
N ASN A 7 4.63 2.32 8.06
CA ASN A 7 3.77 1.16 7.87
C ASN A 7 2.46 1.64 7.28
N PHE A 8 2.14 2.93 7.53
CA PHE A 8 1.02 3.65 7.00
C PHE A 8 1.28 4.06 5.56
N GLY A 9 2.57 4.15 5.20
CA GLY A 9 3.01 4.40 3.85
C GLY A 9 2.98 3.15 3.03
N HIS A 10 3.15 1.97 3.69
CA HIS A 10 3.20 0.67 3.04
C HIS A 10 1.80 0.14 2.80
N ILE A 11 0.84 0.51 3.68
CA ILE A 11 -0.52 0.01 3.65
C ILE A 11 -1.31 0.74 2.58
N GLN A 12 -0.80 1.90 2.12
CA GLN A 12 -1.39 2.72 1.08
C GLN A 12 -1.11 2.10 -0.26
N VAL A 13 0.10 1.52 -0.43
CA VAL A 13 0.56 0.88 -1.63
C VAL A 13 -0.15 -0.43 -1.83
N LYS A 14 -0.52 -1.07 -0.70
CA LYS A 14 -1.23 -2.32 -0.63
C LYS A 14 -2.61 -2.27 -1.23
N VAL A 15 -3.25 -1.07 -1.23
CA VAL A 15 -4.58 -0.84 -1.80
C VAL A 15 -4.49 -0.92 -3.30
N PHE A 16 -3.42 -0.35 -3.89
CA PHE A 16 -3.20 -0.29 -5.32
C PHE A 16 -2.85 -1.65 -5.85
N ASN A 17 -2.10 -2.45 -5.04
CA ASN A 17 -1.66 -3.79 -5.36
C ASN A 17 -2.82 -4.75 -5.33
N HIS A 18 -3.84 -4.46 -4.48
CA HIS A 18 -5.02 -5.27 -4.32
C HIS A 18 -5.95 -5.12 -5.50
N GLY A 19 -5.75 -4.06 -6.32
CA GLY A 19 -6.50 -3.81 -7.53
C GLY A 19 -6.07 -4.74 -8.63
N GLU A 20 -4.78 -5.17 -8.62
CA GLU A 20 -4.25 -6.13 -9.56
C GLU A 20 -4.58 -7.52 -9.07
N HIS A 21 -4.67 -7.71 -7.74
CA HIS A 21 -5.01 -8.98 -7.13
C HIS A 21 -6.49 -9.23 -7.26
N ILE A 22 -6.90 -10.48 -6.97
CA ILE A 22 -8.29 -10.87 -6.86
C ILE A 22 -8.63 -10.63 -5.42
N HIS A 23 -7.85 -11.29 -4.57
CA HIS A 23 -7.81 -11.07 -3.15
C HIS A 23 -6.37 -11.23 -2.77
N HIS A 24 -5.94 -10.54 -1.70
CA HIS A 24 -4.57 -10.58 -1.23
C HIS A 24 -4.42 -11.81 -0.31
N NH2 A 25 -3.53 -12.76 -0.71
HN1 NH2 A 25 -3.38 -13.57 -0.16
HN2 NH2 A 25 -3.01 -12.64 -1.56
C ACE A 1 3.77 5.91 16.32
O ACE A 1 3.92 6.76 17.20
CH3 ACE A 1 4.67 4.71 16.27
H1 ACE A 1 5.37 4.73 17.13
H2 ACE A 1 4.08 3.77 16.31
H3 ACE A 1 5.27 4.73 15.33
N PHE A 2 2.79 6.04 15.38
CA PHE A 2 2.48 5.13 14.31
C PHE A 2 3.41 5.43 13.18
N GLU A 3 3.28 6.63 12.56
CA GLU A 3 4.00 7.01 11.37
C GLU A 3 5.22 7.78 11.77
N ASP A 4 6.33 7.04 11.95
CA ASP A 4 7.68 7.56 12.04
C ASP A 4 8.15 7.63 10.61
N LEU A 5 8.05 6.46 9.95
CA LEU A 5 8.18 6.28 8.53
C LEU A 5 6.80 6.47 7.96
N PRO A 6 6.55 6.55 6.66
CA PRO A 6 5.20 6.51 6.11
C PRO A 6 4.68 5.09 6.19
N ASN A 7 4.11 4.68 7.35
CA ASN A 7 3.72 3.33 7.65
C ASN A 7 2.33 3.07 7.17
N PHE A 8 1.53 4.14 7.08
CA PHE A 8 0.21 4.12 6.49
C PHE A 8 0.36 4.25 5.00
N GLY A 9 1.51 4.80 4.54
CA GLY A 9 1.84 4.94 3.14
C GLY A 9 2.44 3.66 2.60
N HIS A 10 2.84 2.72 3.50
CA HIS A 10 3.31 1.41 3.12
C HIS A 10 2.13 0.49 3.04
N ILE A 11 1.06 0.80 3.80
CA ILE A 11 -0.20 0.08 3.82
C ILE A 11 -0.99 0.44 2.58
N GLN A 12 -0.71 1.63 1.99
CA GLN A 12 -1.34 2.15 0.81
C GLN A 12 -0.86 1.41 -0.43
N VAL A 13 0.32 0.74 -0.34
CA VAL A 13 0.91 -0.02 -1.41
C VAL A 13 0.15 -1.31 -1.61
N LYS A 14 -0.41 -1.85 -0.51
CA LYS A 14 -1.18 -3.08 -0.50
C LYS A 14 -2.53 -2.85 -1.15
N VAL A 15 -3.09 -1.62 -1.00
CA VAL A 15 -4.36 -1.21 -1.58
C VAL A 15 -4.18 -1.00 -3.07
N PHE A 16 -2.99 -0.49 -3.47
CA PHE A 16 -2.64 -0.21 -4.84
C PHE A 16 -2.47 -1.49 -5.63
N ASN A 17 -1.98 -2.57 -4.97
CA ASN A 17 -1.74 -3.86 -5.56
C ASN A 17 -3.02 -4.65 -5.65
N HIS A 18 -3.99 -4.37 -4.73
CA HIS A 18 -5.25 -5.07 -4.63
C HIS A 18 -6.12 -4.75 -5.81
N GLY A 19 -6.22 -3.45 -6.17
CA GLY A 19 -6.99 -2.99 -7.29
C GLY A 19 -6.20 -3.21 -8.55
N GLU A 20 -4.87 -2.95 -8.49
CA GLU A 20 -3.90 -3.11 -9.55
C GLU A 20 -4.16 -2.07 -10.60
N HIS A 21 -3.90 -0.80 -10.24
CA HIS A 21 -4.25 0.35 -11.03
C HIS A 21 -3.14 0.64 -12.01
N ILE A 22 -3.53 1.18 -13.18
CA ILE A 22 -2.63 1.68 -14.19
C ILE A 22 -2.69 3.16 -14.02
N HIS A 23 -3.92 3.68 -14.13
CA HIS A 23 -4.29 5.04 -13.86
C HIS A 23 -5.62 4.94 -13.16
N HIS A 24 -5.90 5.93 -12.28
CA HIS A 24 -7.12 5.98 -11.51
C HIS A 24 -8.20 6.71 -12.33
N NH2 A 25 -7.96 8.02 -12.64
HN1 NH2 A 25 -7.12 8.46 -12.33
HN2 NH2 A 25 -8.63 8.53 -13.18
C ACE A 1 -3.44 8.90 8.31
O ACE A 1 -3.18 9.21 7.15
CH3 ACE A 1 -4.72 8.23 8.65
H1 ACE A 1 -5.29 7.99 7.73
H2 ACE A 1 -4.53 7.28 9.20
H3 ACE A 1 -5.36 8.88 9.29
N PHE A 2 -2.61 9.15 9.34
CA PHE A 2 -1.32 9.78 9.20
C PHE A 2 -0.31 8.68 9.02
N GLU A 3 0.73 8.96 8.19
CA GLU A 3 1.83 8.07 7.92
C GLU A 3 2.90 8.46 8.89
N ASP A 4 2.87 7.83 10.09
CA ASP A 4 3.83 8.07 11.15
C ASP A 4 4.97 7.14 10.90
N LEU A 5 4.63 5.84 10.81
CA LEU A 5 5.52 4.77 10.45
C LEU A 5 5.46 4.66 8.95
N PRO A 6 6.51 4.23 8.24
CA PRO A 6 6.50 4.11 6.79
C PRO A 6 5.87 2.81 6.36
N ASN A 7 5.29 2.08 7.33
CA ASN A 7 4.61 0.82 7.16
C ASN A 7 3.16 1.10 6.90
N PHE A 8 2.70 2.27 7.38
CA PHE A 8 1.41 2.84 7.11
C PHE A 8 1.49 3.59 5.80
N GLY A 9 2.73 3.85 5.32
CA GLY A 9 2.99 4.40 4.00
C GLY A 9 2.87 3.30 2.98
N HIS A 10 3.23 2.05 3.38
CA HIS A 10 3.20 0.89 2.52
C HIS A 10 1.84 0.28 2.49
N ILE A 11 0.92 0.66 3.43
CA ILE A 11 -0.40 0.08 3.53
C ILE A 11 -1.31 0.70 2.49
N GLN A 12 -0.94 1.91 2.00
CA GLN A 12 -1.65 2.64 0.97
C GLN A 12 -1.33 2.06 -0.37
N VAL A 13 -0.09 1.52 -0.52
CA VAL A 13 0.41 0.87 -1.71
C VAL A 13 -0.21 -0.51 -1.82
N LYS A 14 -0.64 -1.07 -0.67
CA LYS A 14 -1.21 -2.39 -0.57
C LYS A 14 -2.63 -2.42 -1.09
N VAL A 15 -3.33 -1.25 -1.08
CA VAL A 15 -4.66 -1.09 -1.62
C VAL A 15 -4.57 -1.11 -3.13
N PHE A 16 -3.50 -0.47 -3.68
CA PHE A 16 -3.22 -0.41 -5.09
C PHE A 16 -2.70 -1.74 -5.59
N ASN A 17 -2.14 -2.57 -4.69
CA ASN A 17 -1.61 -3.89 -4.98
C ASN A 17 -2.75 -4.86 -5.16
N HIS A 18 -3.86 -4.63 -4.44
CA HIS A 18 -5.07 -5.42 -4.53
C HIS A 18 -5.90 -5.01 -5.71
N GLY A 19 -5.55 -3.87 -6.36
CA GLY A 19 -6.24 -3.35 -7.51
C GLY A 19 -5.62 -3.88 -8.76
N GLU A 20 -4.27 -3.87 -8.84
CA GLU A 20 -3.53 -4.20 -10.03
C GLU A 20 -3.37 -5.69 -10.16
N HIS A 21 -3.19 -6.39 -9.02
CA HIS A 21 -3.04 -7.82 -8.93
C HIS A 21 -4.19 -8.31 -8.12
N ILE A 22 -4.50 -9.63 -8.24
CA ILE A 22 -5.57 -10.37 -7.60
C ILE A 22 -6.93 -9.69 -7.75
N HIS A 23 -7.15 -9.13 -8.95
CA HIS A 23 -8.33 -8.37 -9.30
C HIS A 23 -8.17 -8.16 -10.77
N HIS A 24 -7.09 -7.42 -11.14
CA HIS A 24 -6.70 -7.12 -12.49
C HIS A 24 -7.73 -6.23 -13.19
N NH2 A 25 -8.02 -5.03 -12.58
HN1 NH2 A 25 -8.69 -4.41 -12.99
HN2 NH2 A 25 -7.57 -4.80 -11.71
C ACE A 1 -7.59 10.63 7.83
O ACE A 1 -7.06 11.04 6.81
CH3 ACE A 1 -8.88 9.87 7.77
H1 ACE A 1 -9.70 10.46 8.24
H2 ACE A 1 -9.16 9.66 6.72
H3 ACE A 1 -8.78 8.91 8.32
N PHE A 2 -7.08 10.83 9.07
CA PHE A 2 -5.88 11.58 9.33
C PHE A 2 -4.75 10.59 9.51
N GLU A 3 -3.52 11.13 9.70
CA GLU A 3 -2.27 10.42 9.89
C GLU A 3 -1.77 9.87 8.58
N ASP A 4 -0.47 10.12 8.30
CA ASP A 4 0.22 9.57 7.17
C ASP A 4 1.56 9.23 7.74
N LEU A 5 1.63 8.01 8.33
CA LEU A 5 2.80 7.48 8.97
C LEU A 5 3.67 6.87 7.89
N PRO A 6 4.97 6.62 8.10
CA PRO A 6 5.82 5.97 7.11
C PRO A 6 5.66 4.47 7.16
N ASN A 7 4.66 3.99 7.90
CA ASN A 7 4.26 2.61 8.02
C ASN A 7 2.97 2.47 7.26
N PHE A 8 2.19 3.57 7.25
CA PHE A 8 0.92 3.70 6.58
C PHE A 8 1.14 3.95 5.10
N GLY A 9 2.40 4.24 4.69
CA GLY A 9 2.77 4.41 3.31
C GLY A 9 2.89 3.08 2.62
N HIS A 10 3.09 1.99 3.40
CA HIS A 10 3.17 0.64 2.89
C HIS A 10 1.78 0.06 2.78
N ILE A 11 0.85 0.55 3.63
CA ILE A 11 -0.52 0.09 3.74
C ILE A 11 -1.32 0.75 2.65
N GLN A 12 -0.88 1.95 2.20
CA GLN A 12 -1.50 2.71 1.14
C GLN A 12 -1.28 2.05 -0.20
N VAL A 13 -0.05 1.52 -0.40
CA VAL A 13 0.39 0.87 -1.63
C VAL A 13 -0.17 -0.53 -1.70
N LYS A 14 -0.58 -1.09 -0.54
CA LYS A 14 -1.20 -2.39 -0.41
C LYS A 14 -2.53 -2.46 -1.11
N VAL A 15 -3.28 -1.33 -1.11
CA VAL A 15 -4.59 -1.19 -1.72
C VAL A 15 -4.43 -1.11 -3.22
N PHE A 16 -3.31 -0.49 -3.69
CA PHE A 16 -2.99 -0.33 -5.09
C PHE A 16 -2.64 -1.67 -5.71
N ASN A 17 -1.95 -2.56 -4.95
CA ASN A 17 -1.53 -3.86 -5.41
C ASN A 17 -2.68 -4.84 -5.40
N HIS A 18 -3.71 -4.56 -4.57
CA HIS A 18 -4.91 -5.37 -4.50
C HIS A 18 -5.74 -5.14 -5.73
N GLY A 19 -5.93 -3.86 -6.11
CA GLY A 19 -6.70 -3.47 -7.27
C GLY A 19 -5.87 -3.39 -8.51
N GLU A 20 -4.70 -4.07 -8.54
CA GLU A 20 -3.83 -4.17 -9.68
C GLU A 20 -4.35 -5.28 -10.56
N HIS A 21 -4.78 -6.40 -9.92
CA HIS A 21 -5.19 -7.61 -10.58
C HIS A 21 -6.56 -7.49 -11.19
N ILE A 22 -7.01 -8.57 -11.86
CA ILE A 22 -8.30 -8.66 -12.51
C ILE A 22 -9.26 -9.10 -11.45
N HIS A 23 -9.09 -10.36 -11.02
CA HIS A 23 -9.82 -10.98 -9.95
C HIS A 23 -9.07 -10.70 -8.67
N HIS A 24 -9.78 -10.15 -7.67
CA HIS A 24 -9.22 -9.85 -6.39
C HIS A 24 -10.43 -9.64 -5.45
N NH2 A 25 -10.43 -10.36 -4.30
HN1 NH2 A 25 -9.67 -11.00 -4.09
HN2 NH2 A 25 -11.19 -10.27 -3.65
C ACE A 1 6.71 6.69 14.67
O ACE A 1 6.04 5.68 14.44
CH3 ACE A 1 6.10 8.05 14.56
H1 ACE A 1 6.12 8.56 15.55
H2 ACE A 1 6.67 8.67 13.83
H3 ACE A 1 5.05 7.97 14.22
N PHE A 2 8.02 6.65 15.02
CA PHE A 2 8.83 5.47 15.20
C PHE A 2 9.06 4.80 13.86
N GLU A 3 8.49 3.58 13.67
CA GLU A 3 8.54 2.77 12.47
C GLU A 3 9.86 2.07 12.33
N ASP A 4 9.82 0.76 12.02
CA ASP A 4 10.96 -0.05 11.69
C ASP A 4 11.02 0.00 10.18
N LEU A 5 10.06 -0.72 9.58
CA LEU A 5 9.70 -0.59 8.18
C LEU A 5 8.53 0.38 8.18
N PRO A 6 8.39 1.26 7.19
CA PRO A 6 7.16 2.03 6.99
C PRO A 6 6.03 1.13 6.50
N ASN A 7 5.22 0.60 7.45
CA ASN A 7 4.07 -0.23 7.16
C ASN A 7 2.90 0.69 6.95
N PHE A 8 2.95 1.87 7.61
CA PHE A 8 1.94 2.89 7.56
C PHE A 8 2.18 3.80 6.38
N GLY A 9 3.37 3.67 5.73
CA GLY A 9 3.69 4.35 4.49
C GLY A 9 3.31 3.46 3.35
N HIS A 10 3.39 2.13 3.57
CA HIS A 10 3.11 1.11 2.57
C HIS A 10 1.65 0.71 2.61
N ILE A 11 0.81 1.40 3.44
CA ILE A 11 -0.57 1.04 3.69
C ILE A 11 -1.43 1.28 2.48
N GLN A 12 -1.07 2.29 1.66
CA GLN A 12 -1.75 2.68 0.45
C GLN A 12 -1.45 1.68 -0.64
N VAL A 13 -0.20 1.14 -0.63
CA VAL A 13 0.35 0.29 -1.66
C VAL A 13 -0.24 -1.09 -1.61
N LYS A 14 -0.80 -1.48 -0.43
CA LYS A 14 -1.48 -2.75 -0.24
C LYS A 14 -2.79 -2.76 -1.00
N VAL A 15 -3.53 -1.63 -0.96
CA VAL A 15 -4.80 -1.45 -1.59
C VAL A 15 -4.61 -1.28 -3.08
N PHE A 16 -3.50 -0.59 -3.47
CA PHE A 16 -3.18 -0.25 -4.83
C PHE A 16 -2.81 -1.50 -5.61
N ASN A 17 -1.98 -2.39 -5.01
CA ASN A 17 -1.45 -3.57 -5.65
C ASN A 17 -2.49 -4.67 -5.68
N HIS A 18 -3.54 -4.57 -4.84
CA HIS A 18 -4.64 -5.51 -4.81
C HIS A 18 -5.54 -5.28 -6.00
N GLY A 19 -5.87 -3.99 -6.27
CA GLY A 19 -6.79 -3.60 -7.32
C GLY A 19 -6.13 -3.63 -8.68
N GLU A 20 -4.78 -3.51 -8.70
CA GLU A 20 -3.98 -3.54 -9.90
C GLU A 20 -3.79 -4.98 -10.30
N HIS A 21 -3.23 -5.77 -9.35
CA HIS A 21 -2.90 -7.17 -9.45
C HIS A 21 -1.72 -7.43 -10.36
N ILE A 22 -0.90 -8.43 -9.96
CA ILE A 22 0.33 -8.78 -10.63
C ILE A 22 -0.01 -9.91 -11.56
N HIS A 23 -0.58 -10.96 -10.97
CA HIS A 23 -1.02 -12.19 -11.60
C HIS A 23 0.18 -13.02 -11.98
N HIS A 24 0.02 -13.90 -13.00
CA HIS A 24 1.07 -14.76 -13.48
C HIS A 24 1.79 -13.99 -14.61
N NH2 A 25 3.12 -13.74 -14.42
HN1 NH2 A 25 3.64 -13.25 -15.11
HN2 NH2 A 25 3.57 -14.06 -13.57
C ACE A 1 13.30 1.32 8.42
O ACE A 1 13.08 2.40 7.89
CH3 ACE A 1 12.63 0.08 7.89
H1 ACE A 1 12.05 -0.42 8.69
H2 ACE A 1 11.92 0.35 7.08
H3 ACE A 1 13.39 -0.63 7.49
N PHE A 2 14.14 1.22 9.48
CA PHE A 2 14.52 0.00 10.18
C PHE A 2 13.53 -0.18 11.30
N GLU A 3 13.59 0.71 12.32
CA GLU A 3 12.64 0.75 13.41
C GLU A 3 11.52 1.69 13.05
N ASP A 4 11.67 2.45 11.95
CA ASP A 4 10.74 3.41 11.45
C ASP A 4 10.20 2.83 10.17
N LEU A 5 9.47 1.69 10.30
CA LEU A 5 8.93 0.95 9.19
C LEU A 5 7.78 1.71 8.56
N PRO A 6 7.59 1.69 7.25
CA PRO A 6 6.36 2.12 6.61
C PRO A 6 5.23 1.15 6.92
N ASN A 7 4.43 1.46 7.95
CA ASN A 7 3.28 0.69 8.35
C ASN A 7 2.11 1.29 7.64
N PHE A 8 1.95 2.61 7.87
CA PHE A 8 0.89 3.43 7.34
C PHE A 8 1.30 3.98 5.99
N GLY A 9 2.57 3.73 5.57
CA GLY A 9 3.08 4.14 4.29
C GLY A 9 2.84 3.04 3.29
N HIS A 10 3.04 1.77 3.71
CA HIS A 10 2.98 0.62 2.83
C HIS A 10 1.56 0.14 2.66
N ILE A 11 0.62 0.55 3.55
CA ILE A 11 -0.77 0.14 3.48
C ILE A 11 -1.46 0.84 2.33
N GLN A 12 -0.91 2.00 1.90
CA GLN A 12 -1.38 2.79 0.79
C GLN A 12 -0.99 2.14 -0.51
N VAL A 13 0.14 1.42 -0.52
CA VAL A 13 0.68 0.71 -1.67
C VAL A 13 -0.15 -0.52 -1.93
N LYS A 14 -0.69 -1.10 -0.83
CA LYS A 14 -1.50 -2.30 -0.84
C LYS A 14 -2.92 -2.05 -1.29
N VAL A 15 -3.28 -0.77 -1.61
CA VAL A 15 -4.56 -0.45 -2.18
C VAL A 15 -4.46 -0.68 -3.67
N PHE A 16 -3.34 -0.24 -4.27
CA PHE A 16 -3.07 -0.32 -5.69
C PHE A 16 -2.66 -1.72 -6.07
N ASN A 17 -2.01 -2.44 -5.13
CA ASN A 17 -1.44 -3.75 -5.35
C ASN A 17 -2.53 -4.79 -5.29
N HIS A 18 -3.46 -4.67 -4.32
CA HIS A 18 -4.51 -5.65 -4.10
C HIS A 18 -5.68 -5.34 -4.99
N GLY A 19 -5.70 -4.12 -5.60
CA GLY A 19 -6.69 -3.71 -6.55
C GLY A 19 -6.31 -4.17 -7.93
N GLU A 20 -4.99 -4.38 -8.18
CA GLU A 20 -4.47 -4.82 -9.44
C GLU A 20 -4.58 -6.33 -9.48
N HIS A 21 -3.69 -7.03 -8.74
CA HIS A 21 -3.68 -8.46 -8.64
C HIS A 21 -4.48 -8.84 -7.44
N ILE A 22 -5.18 -9.98 -7.53
CA ILE A 22 -6.04 -10.49 -6.48
C ILE A 22 -5.42 -11.81 -6.11
N HIS A 23 -5.67 -12.82 -6.96
CA HIS A 23 -5.22 -14.16 -6.81
C HIS A 23 -5.05 -14.69 -8.20
N HIS A 24 -6.16 -14.70 -8.97
CA HIS A 24 -6.21 -15.15 -10.34
C HIS A 24 -5.91 -16.66 -10.41
N NH2 A 25 -4.86 -17.05 -11.19
HN1 NH2 A 25 -4.62 -18.02 -11.26
HN2 NH2 A 25 -4.32 -16.38 -11.69
C ACE A 1 -2.73 6.33 2.18
O ACE A 1 -3.06 7.22 1.41
CH3 ACE A 1 -3.52 5.06 2.25
H1 ACE A 1 -2.98 4.28 2.83
H2 ACE A 1 -4.50 5.25 2.75
H3 ACE A 1 -3.71 4.67 1.23
N PHE A 2 -1.67 6.40 3.03
CA PHE A 2 -0.75 7.51 3.19
C PHE A 2 -1.39 8.64 3.94
N GLU A 3 -0.79 9.00 5.10
CA GLU A 3 -1.15 10.16 5.87
C GLU A 3 -0.05 11.16 5.61
N ASP A 4 0.68 11.56 6.66
CA ASP A 4 1.87 12.38 6.56
C ASP A 4 3.06 11.47 6.65
N LEU A 5 2.91 10.36 7.41
CA LEU A 5 3.93 9.39 7.67
C LEU A 5 3.88 8.33 6.60
N PRO A 6 5.00 7.75 6.14
CA PRO A 6 5.03 6.66 5.18
C PRO A 6 4.81 5.33 5.88
N ASN A 7 4.24 5.35 7.10
CA ASN A 7 3.93 4.19 7.89
C ASN A 7 2.64 3.62 7.38
N PHE A 8 1.68 4.53 7.12
CA PHE A 8 0.40 4.25 6.53
C PHE A 8 0.53 4.30 5.03
N GLY A 9 1.68 4.81 4.53
CA GLY A 9 2.02 4.84 3.13
C GLY A 9 2.60 3.54 2.68
N HIS A 10 2.76 2.56 3.61
CA HIS A 10 3.12 1.20 3.31
C HIS A 10 1.85 0.46 3.02
N ILE A 11 0.77 0.76 3.78
CA ILE A 11 -0.56 0.17 3.68
C ILE A 11 -1.19 0.62 2.38
N GLN A 12 -0.78 1.82 1.87
CA GLN A 12 -1.18 2.37 0.60
C GLN A 12 -0.84 1.46 -0.54
N VAL A 13 0.37 0.83 -0.49
CA VAL A 13 0.92 -0.01 -1.52
C VAL A 13 0.19 -1.32 -1.63
N LYS A 14 -0.37 -1.81 -0.50
CA LYS A 14 -1.11 -3.05 -0.43
C LYS A 14 -2.44 -2.89 -1.13
N VAL A 15 -3.09 -1.72 -0.97
CA VAL A 15 -4.38 -1.38 -1.55
C VAL A 15 -4.21 -1.11 -3.04
N PHE A 16 -3.03 -0.58 -3.44
CA PHE A 16 -2.68 -0.21 -4.79
C PHE A 16 -2.55 -1.45 -5.65
N ASN A 17 -1.92 -2.51 -5.09
CA ASN A 17 -1.65 -3.77 -5.75
C ASN A 17 -2.91 -4.61 -5.80
N HIS A 18 -3.78 -4.47 -4.78
CA HIS A 18 -5.01 -5.23 -4.64
C HIS A 18 -6.04 -4.75 -5.64
N GLY A 19 -6.03 -3.43 -5.94
CA GLY A 19 -6.94 -2.81 -6.88
C GLY A 19 -6.54 -3.10 -8.31
N GLU A 20 -5.25 -3.50 -8.50
CA GLU A 20 -4.66 -3.91 -9.76
C GLU A 20 -4.38 -2.68 -10.57
N HIS A 21 -3.27 -2.00 -10.20
CA HIS A 21 -2.84 -0.77 -10.81
C HIS A 21 -2.14 -1.05 -12.11
N ILE A 22 -2.05 0.01 -12.96
CA ILE A 22 -1.33 -0.03 -14.22
C ILE A 22 -0.05 0.70 -13.93
N HIS A 23 -0.20 2.02 -13.67
CA HIS A 23 0.82 2.98 -13.32
C HIS A 23 1.66 3.35 -14.52
N HIS A 24 1.83 4.67 -14.74
CA HIS A 24 2.60 5.20 -15.84
C HIS A 24 4.06 5.32 -15.37
N NH2 A 25 4.97 4.54 -16.00
HN1 NH2 A 25 5.94 4.57 -15.74
HN2 NH2 A 25 4.68 3.93 -16.74
C ACE A 1 7.67 -6.54 8.38
O ACE A 1 8.65 -6.55 7.63
CH3 ACE A 1 6.89 -7.80 8.65
H1 ACE A 1 6.94 -8.04 9.73
H2 ACE A 1 5.84 -7.67 8.34
H3 ACE A 1 7.33 -8.64 8.08
N PHE A 2 7.22 -5.42 8.98
CA PHE A 2 7.83 -4.12 8.82
C PHE A 2 8.85 -3.96 9.90
N GLU A 3 9.90 -3.15 9.62
CA GLU A 3 10.99 -2.90 10.52
C GLU A 3 10.79 -1.51 11.06
N ASP A 4 11.69 -0.57 10.68
CA ASP A 4 11.60 0.84 11.00
C ASP A 4 11.03 1.56 9.81
N LEU A 5 10.22 0.83 8.99
CA LEU A 5 9.68 1.29 7.75
C LEU A 5 8.41 2.07 8.02
N PRO A 6 7.97 2.96 7.14
CA PRO A 6 6.64 3.55 7.20
C PRO A 6 5.61 2.52 6.77
N ASN A 7 5.04 1.78 7.74
CA ASN A 7 4.07 0.73 7.53
C ASN A 7 2.74 1.28 7.09
N PHE A 8 2.44 2.50 7.57
CA PHE A 8 1.24 3.27 7.25
C PHE A 8 1.42 4.00 5.94
N GLY A 9 2.64 3.97 5.36
CA GLY A 9 2.91 4.50 4.05
C GLY A 9 2.73 3.40 3.05
N HIS A 10 3.08 2.16 3.45
CA HIS A 10 3.01 0.97 2.62
C HIS A 10 1.66 0.33 2.68
N ILE A 11 0.72 0.89 3.50
CA ILE A 11 -0.64 0.39 3.62
C ILE A 11 -1.45 0.87 2.44
N GLN A 12 -1.00 1.99 1.82
CA GLN A 12 -1.61 2.60 0.67
C GLN A 12 -1.21 1.82 -0.56
N VAL A 13 0.04 1.30 -0.56
CA VAL A 13 0.64 0.55 -1.64
C VAL A 13 0.00 -0.81 -1.74
N LYS A 14 -0.45 -1.34 -0.58
CA LYS A 14 -1.12 -2.60 -0.44
C LYS A 14 -2.47 -2.62 -1.12
N VAL A 15 -3.19 -1.47 -1.08
CA VAL A 15 -4.48 -1.28 -1.69
C VAL A 15 -4.33 -1.14 -3.18
N PHE A 16 -3.21 -0.56 -3.66
CA PHE A 16 -2.95 -0.36 -5.07
C PHE A 16 -2.59 -1.66 -5.74
N ASN A 17 -1.96 -2.60 -4.98
CA ASN A 17 -1.56 -3.90 -5.46
C ASN A 17 -2.74 -4.84 -5.46
N HIS A 18 -3.75 -4.56 -4.61
CA HIS A 18 -4.96 -5.35 -4.51
C HIS A 18 -5.90 -5.00 -5.63
N GLY A 19 -5.92 -3.70 -6.03
CA GLY A 19 -6.76 -3.19 -7.08
C GLY A 19 -6.17 -3.49 -8.43
N GLU A 20 -4.86 -3.80 -8.48
CA GLU A 20 -4.16 -4.22 -9.67
C GLU A 20 -4.48 -5.68 -9.89
N HIS A 21 -4.23 -6.51 -8.85
CA HIS A 21 -4.54 -7.92 -8.80
C HIS A 21 -3.67 -8.68 -9.79
N ILE A 22 -4.22 -9.78 -10.35
CA ILE A 22 -3.60 -10.56 -11.40
C ILE A 22 -4.33 -10.11 -12.62
N HIS A 23 -5.60 -10.54 -12.70
CA HIS A 23 -6.54 -10.16 -13.71
C HIS A 23 -7.87 -10.35 -13.07
N HIS A 24 -8.50 -11.54 -13.27
CA HIS A 24 -9.76 -11.89 -12.67
C HIS A 24 -9.54 -12.34 -11.21
N NH2 A 25 -8.71 -13.41 -11.03
HN1 NH2 A 25 -8.53 -13.75 -10.11
HN2 NH2 A 25 -8.29 -13.86 -11.82
C ACE A 1 10.06 12.22 15.88
O ACE A 1 8.87 12.54 15.85
CH3 ACE A 1 10.92 12.63 17.02
H1 ACE A 1 11.35 11.72 17.51
H2 ACE A 1 11.76 13.27 16.67
H3 ACE A 1 10.34 13.19 17.77
N PHE A 2 10.65 11.52 14.89
CA PHE A 2 9.97 11.07 13.71
C PHE A 2 9.54 9.64 13.93
N GLU A 3 8.73 9.11 12.98
CA GLU A 3 8.27 7.75 13.00
C GLU A 3 9.33 6.92 12.31
N ASP A 4 9.52 7.18 10.99
CA ASP A 4 10.48 6.52 10.12
C ASP A 4 10.14 5.05 9.99
N LEU A 5 8.87 4.78 9.61
CA LEU A 5 8.38 3.43 9.42
C LEU A 5 7.25 3.63 8.44
N PRO A 6 7.21 2.99 7.26
CA PRO A 6 6.06 3.02 6.38
C PRO A 6 4.98 2.12 6.92
N ASN A 7 4.09 2.66 7.79
CA ASN A 7 2.98 1.95 8.36
C ASN A 7 1.82 2.15 7.43
N PHE A 8 1.49 3.44 7.24
CA PHE A 8 0.46 3.92 6.35
C PHE A 8 1.04 4.00 4.95
N GLY A 9 2.39 4.10 4.84
CA GLY A 9 3.10 4.15 3.58
C GLY A 9 3.09 2.81 2.89
N HIS A 10 3.01 1.72 3.69
CA HIS A 10 2.87 0.38 3.19
C HIS A 10 1.44 0.13 2.82
N ILE A 11 0.48 0.63 3.63
CA ILE A 11 -0.93 0.36 3.54
C ILE A 11 -1.54 0.99 2.30
N GLN A 12 -0.95 2.11 1.83
CA GLN A 12 -1.42 2.86 0.70
C GLN A 12 -1.13 2.11 -0.58
N VAL A 13 0.09 1.53 -0.68
CA VAL A 13 0.59 0.82 -1.83
C VAL A 13 -0.02 -0.56 -1.90
N LYS A 14 -0.45 -1.10 -0.74
CA LYS A 14 -1.01 -2.41 -0.57
C LYS A 14 -2.40 -2.46 -1.15
N VAL A 15 -3.16 -1.34 -1.06
CA VAL A 15 -4.50 -1.22 -1.59
C VAL A 15 -4.44 -1.10 -3.10
N PHE A 16 -3.38 -0.43 -3.64
CA PHE A 16 -3.20 -0.24 -5.06
C PHE A 16 -2.80 -1.53 -5.74
N ASN A 17 -2.03 -2.39 -5.01
CA ASN A 17 -1.51 -3.63 -5.49
C ASN A 17 -2.58 -4.71 -5.41
N HIS A 18 -3.57 -4.53 -4.50
CA HIS A 18 -4.69 -5.42 -4.34
C HIS A 18 -5.73 -5.15 -5.40
N GLY A 19 -5.78 -3.89 -5.91
CA GLY A 19 -6.69 -3.48 -6.95
C GLY A 19 -6.12 -3.83 -8.30
N GLU A 20 -4.78 -4.05 -8.37
CA GLU A 20 -4.07 -4.42 -9.57
C GLU A 20 -4.23 -5.91 -9.73
N HIS A 21 -3.55 -6.69 -8.87
CA HIS A 21 -3.61 -8.12 -8.84
C HIS A 21 -4.74 -8.50 -7.91
N ILE A 22 -5.78 -9.13 -8.48
CA ILE A 22 -6.98 -9.52 -7.76
C ILE A 22 -6.94 -11.03 -7.81
N HIS A 23 -5.87 -11.58 -7.19
CA HIS A 23 -5.56 -12.99 -7.11
C HIS A 23 -5.20 -13.51 -8.48
N HIS A 24 -6.02 -14.43 -9.03
CA HIS A 24 -5.82 -14.99 -10.34
C HIS A 24 -6.47 -14.04 -11.36
N NH2 A 25 -5.64 -13.53 -12.33
HN1 NH2 A 25 -6.00 -12.90 -13.02
HN2 NH2 A 25 -4.67 -13.79 -12.33
C ACE A 1 4.07 9.21 19.30
O ACE A 1 5.12 8.71 18.95
CH3 ACE A 1 3.88 9.68 20.72
H1 ACE A 1 3.65 10.76 20.74
H2 ACE A 1 3.06 9.11 21.19
H3 ACE A 1 4.82 9.50 21.29
N PHE A 2 3.00 9.40 18.49
CA PHE A 2 2.89 9.09 17.06
C PHE A 2 3.11 7.63 16.72
N GLU A 3 2.92 7.29 15.42
CA GLU A 3 3.09 5.96 14.91
C GLU A 3 4.08 6.08 13.79
N ASP A 4 3.57 6.29 12.54
CA ASP A 4 4.32 6.39 11.30
C ASP A 4 5.35 5.30 11.10
N LEU A 5 4.85 4.05 11.00
CA LEU A 5 5.63 2.86 10.74
C LEU A 5 5.70 2.73 9.23
N PRO A 6 6.57 1.92 8.64
CA PRO A 6 6.60 1.68 7.20
C PRO A 6 5.56 0.66 6.79
N ASN A 7 4.56 0.41 7.67
CA ASN A 7 3.44 -0.45 7.44
C ASN A 7 2.27 0.45 7.15
N PHE A 8 2.26 1.60 7.83
CA PHE A 8 1.28 2.66 7.71
C PHE A 8 1.69 3.61 6.62
N GLY A 9 2.94 3.47 6.12
CA GLY A 9 3.44 4.22 4.99
C GLY A 9 3.16 3.45 3.73
N HIS A 10 3.24 2.10 3.83
CA HIS A 10 3.04 1.18 2.73
C HIS A 10 1.60 0.77 2.63
N ILE A 11 0.69 1.42 3.40
CA ILE A 11 -0.71 1.04 3.52
C ILE A 11 -1.47 1.26 2.24
N GLN A 12 -1.09 2.29 1.46
CA GLN A 12 -1.73 2.65 0.22
C GLN A 12 -1.25 1.76 -0.90
N VAL A 13 -0.01 1.22 -0.77
CA VAL A 13 0.64 0.41 -1.78
C VAL A 13 0.00 -0.96 -1.83
N LYS A 14 -0.55 -1.41 -0.68
CA LYS A 14 -1.24 -2.67 -0.51
C LYS A 14 -2.56 -2.64 -1.24
N VAL A 15 -3.28 -1.50 -1.15
CA VAL A 15 -4.58 -1.28 -1.78
C VAL A 15 -4.41 -1.16 -3.27
N PHE A 16 -3.28 -0.55 -3.71
CA PHE A 16 -2.93 -0.32 -5.10
C PHE A 16 -2.54 -1.61 -5.78
N ASN A 17 -2.03 -2.59 -5.00
CA ASN A 17 -1.58 -3.86 -5.49
C ASN A 17 -2.76 -4.79 -5.67
N HIS A 18 -3.70 -4.77 -4.70
CA HIS A 18 -4.84 -5.66 -4.64
C HIS A 18 -5.86 -5.29 -5.68
N GLY A 19 -6.04 -3.97 -5.91
CA GLY A 19 -6.94 -3.44 -6.91
C GLY A 19 -6.31 -3.54 -8.27
N GLU A 20 -4.96 -3.49 -8.31
CA GLU A 20 -4.13 -3.62 -9.49
C GLU A 20 -4.26 -2.39 -10.34
N HIS A 21 -3.64 -1.29 -9.86
CA HIS A 21 -3.52 0.01 -10.46
C HIS A 21 -4.82 0.74 -10.70
N ILE A 22 -4.72 2.03 -11.08
CA ILE A 22 -5.83 2.87 -11.44
C ILE A 22 -5.80 3.15 -12.92
N HIS A 23 -4.61 3.00 -13.54
CA HIS A 23 -4.41 3.20 -14.94
C HIS A 23 -3.24 2.31 -15.29
N HIS A 24 -3.30 1.66 -16.47
CA HIS A 24 -2.30 0.74 -16.91
C HIS A 24 -1.14 1.52 -17.54
N NH2 A 25 0.08 1.40 -16.93
HN1 NH2 A 25 0.87 1.88 -17.30
HN2 NH2 A 25 0.17 0.82 -16.12
C ACE A 1 5.82 15.61 9.18
O ACE A 1 6.52 16.23 8.38
CH3 ACE A 1 4.52 15.03 8.75
H1 ACE A 1 3.69 15.45 9.37
H2 ACE A 1 4.31 15.27 7.68
H3 ACE A 1 4.52 13.92 8.87
N PHE A 2 6.18 15.41 10.46
CA PHE A 2 7.42 15.85 11.04
C PHE A 2 8.50 14.85 10.66
N GLU A 3 8.19 13.54 10.82
CA GLU A 3 9.03 12.46 10.42
C GLU A 3 8.65 12.13 8.99
N ASP A 4 7.34 11.83 8.77
CA ASP A 4 6.75 11.52 7.49
C ASP A 4 7.29 10.19 7.01
N LEU A 5 7.00 9.12 7.78
CA LEU A 5 7.44 7.78 7.51
C LEU A 5 6.35 7.08 6.71
N PRO A 6 6.66 6.10 5.88
CA PRO A 6 5.66 5.27 5.22
C PRO A 6 5.21 4.17 6.16
N ASN A 7 4.42 4.51 7.21
CA ASN A 7 3.78 3.55 8.08
C ASN A 7 2.50 3.16 7.40
N PHE A 8 1.64 4.17 7.22
CA PHE A 8 0.39 4.08 6.52
C PHE A 8 0.63 4.19 5.03
N GLY A 9 1.83 4.69 4.64
CA GLY A 9 2.25 4.82 3.27
C GLY A 9 2.72 3.51 2.71
N HIS A 10 2.95 2.49 3.57
CA HIS A 10 3.29 1.14 3.19
C HIS A 10 2.01 0.36 2.99
N ILE A 11 0.96 0.70 3.77
CA ILE A 11 -0.36 0.09 3.71
C ILE A 11 -1.06 0.59 2.46
N GLN A 12 -0.68 1.80 1.97
CA GLN A 12 -1.22 2.42 0.78
C GLN A 12 -0.84 1.64 -0.47
N VAL A 13 0.34 0.96 -0.43
CA VAL A 13 0.88 0.17 -1.52
C VAL A 13 0.09 -1.10 -1.68
N LYS A 14 -0.44 -1.63 -0.56
CA LYS A 14 -1.17 -2.87 -0.48
C LYS A 14 -2.55 -2.72 -1.06
N VAL A 15 -3.17 -1.53 -0.90
CA VAL A 15 -4.49 -1.19 -1.40
C VAL A 15 -4.40 -0.99 -2.90
N PHE A 16 -3.27 -0.40 -3.37
CA PHE A 16 -3.01 -0.17 -4.77
C PHE A 16 -2.78 -1.49 -5.49
N ASN A 17 -2.09 -2.45 -4.82
CA ASN A 17 -1.70 -3.72 -5.38
C ASN A 17 -2.89 -4.64 -5.50
N HIS A 18 -3.97 -4.40 -4.71
CA HIS A 18 -5.16 -5.21 -4.70
C HIS A 18 -5.93 -5.03 -5.99
N GLY A 19 -6.12 -3.77 -6.43
CA GLY A 19 -6.91 -3.45 -7.60
C GLY A 19 -6.08 -3.37 -8.85
N GLU A 20 -4.74 -3.25 -8.72
CA GLU A 20 -3.85 -2.94 -9.80
C GLU A 20 -2.55 -3.57 -9.38
N HIS A 21 -2.50 -4.91 -9.46
CA HIS A 21 -1.34 -5.72 -9.14
C HIS A 21 -0.16 -5.39 -10.03
N ILE A 22 0.96 -4.99 -9.38
CA ILE A 22 2.21 -4.67 -10.03
C ILE A 22 3.12 -5.80 -9.66
N HIS A 23 3.65 -5.72 -8.44
CA HIS A 23 4.52 -6.69 -7.85
C HIS A 23 4.33 -6.51 -6.37
N HIS A 24 5.02 -5.50 -5.78
CA HIS A 24 4.93 -5.17 -4.38
C HIS A 24 3.69 -4.26 -4.20
N NH2 A 25 2.82 -4.62 -3.22
HN1 NH2 A 25 2.99 -5.44 -2.66
HN2 NH2 A 25 1.99 -4.07 -3.06
C ACE A 1 4.40 12.35 15.71
O ACE A 1 4.30 13.29 14.93
CH3 ACE A 1 5.68 12.15 16.47
H1 ACE A 1 5.50 12.25 17.57
H2 ACE A 1 6.10 11.13 16.27
H3 ACE A 1 6.44 12.89 16.16
N PHE A 2 3.38 11.48 15.90
CA PHE A 2 3.36 10.34 16.78
C PHE A 2 3.92 9.15 16.05
N GLU A 3 3.51 8.97 14.76
CA GLU A 3 3.96 7.90 13.92
C GLU A 3 4.40 8.60 12.67
N ASP A 4 5.74 8.75 12.51
CA ASP A 4 6.35 9.64 11.55
C ASP A 4 6.57 8.97 10.24
N LEU A 5 6.90 7.66 10.30
CA LEU A 5 7.32 6.87 9.17
C LEU A 5 6.11 6.53 8.33
N PRO A 6 6.23 6.20 7.04
CA PRO A 6 5.11 5.80 6.21
C PRO A 6 4.74 4.36 6.51
N ASN A 7 3.90 4.14 7.54
CA ASN A 7 3.27 2.87 7.84
C ASN A 7 1.93 2.90 7.15
N PHE A 8 1.36 4.12 7.08
CA PHE A 8 0.16 4.46 6.36
C PHE A 8 0.44 4.43 4.87
N GLY A 9 1.67 4.83 4.47
CA GLY A 9 2.10 4.87 3.10
C GLY A 9 2.63 3.55 2.64
N HIS A 10 2.78 2.57 3.57
CA HIS A 10 3.17 1.21 3.27
C HIS A 10 1.92 0.43 2.95
N ILE A 11 0.83 0.69 3.71
CA ILE A 11 -0.45 0.01 3.60
C ILE A 11 -1.15 0.51 2.36
N GLN A 12 -0.81 1.73 1.89
CA GLN A 12 -1.29 2.34 0.67
C GLN A 12 -0.89 1.54 -0.55
N VAL A 13 0.31 0.89 -0.50
CA VAL A 13 0.86 0.11 -1.58
C VAL A 13 0.14 -1.21 -1.70
N LYS A 14 -0.38 -1.74 -0.57
CA LYS A 14 -1.09 -3.01 -0.51
C LYS A 14 -2.47 -2.85 -1.08
N VAL A 15 -3.10 -1.66 -0.92
CA VAL A 15 -4.40 -1.34 -1.44
C VAL A 15 -4.31 -1.12 -2.94
N PHE A 16 -3.17 -0.54 -3.39
CA PHE A 16 -2.89 -0.28 -4.79
C PHE A 16 -2.62 -1.57 -5.52
N ASN A 17 -1.99 -2.56 -4.84
CA ASN A 17 -1.61 -3.84 -5.40
C ASN A 17 -2.83 -4.71 -5.60
N HIS A 18 -3.85 -4.54 -4.72
CA HIS A 18 -5.09 -5.28 -4.76
C HIS A 18 -5.96 -4.76 -5.86
N GLY A 19 -5.98 -3.42 -6.06
CA GLY A 19 -6.81 -2.74 -7.03
C GLY A 19 -6.25 -2.88 -8.42
N GLU A 20 -4.92 -3.11 -8.54
CA GLU A 20 -4.25 -3.33 -9.79
C GLU A 20 -4.47 -4.75 -10.21
N HIS A 21 -4.18 -5.69 -9.28
CA HIS A 21 -4.32 -7.12 -9.43
C HIS A 21 -3.33 -7.64 -10.43
N ILE A 22 -3.81 -8.29 -11.53
CA ILE A 22 -3.03 -8.91 -12.57
C ILE A 22 -2.43 -10.18 -12.02
N HIS A 23 -3.15 -11.30 -12.23
CA HIS A 23 -2.73 -12.62 -11.84
C HIS A 23 -1.75 -13.12 -12.86
N HIS A 24 -2.27 -13.60 -14.02
CA HIS A 24 -1.50 -14.15 -15.12
C HIS A 24 -0.75 -15.42 -14.67
N NH2 A 25 -1.53 -16.47 -14.29
HN1 NH2 A 25 -2.52 -16.39 -14.32
HN2 NH2 A 25 -1.10 -17.32 -13.98
C ACE A 1 -0.20 -6.23 16.93
O ACE A 1 0.33 -7.14 17.56
CH3 ACE A 1 -1.44 -6.51 16.12
H1 ACE A 1 -1.27 -6.22 15.06
H2 ACE A 1 -1.68 -7.58 16.16
H3 ACE A 1 -2.30 -5.94 16.51
N PHE A 2 0.30 -4.97 16.95
CA PHE A 2 -0.25 -3.81 16.28
C PHE A 2 0.43 -3.69 14.95
N GLU A 3 0.00 -2.68 14.14
CA GLU A 3 0.63 -2.34 12.90
C GLU A 3 1.51 -1.14 13.18
N ASP A 4 2.56 -1.38 14.00
CA ASP A 4 3.53 -0.40 14.45
C ASP A 4 4.66 -0.35 13.45
N LEU A 5 4.80 -1.44 12.66
CA LEU A 5 5.73 -1.59 11.58
C LEU A 5 5.18 -0.83 10.39
N PRO A 6 5.96 -0.44 9.38
CA PRO A 6 5.51 0.44 8.31
C PRO A 6 4.80 -0.32 7.22
N ASN A 7 3.71 -1.04 7.55
CA ASN A 7 2.72 -1.52 6.62
C ASN A 7 1.57 -0.54 6.69
N PHE A 8 1.60 0.38 7.68
CA PHE A 8 0.71 1.50 7.82
C PHE A 8 1.24 2.63 6.97
N GLY A 9 2.57 2.64 6.69
CA GLY A 9 3.19 3.60 5.81
C GLY A 9 3.07 3.13 4.39
N HIS A 10 3.11 1.78 4.20
CA HIS A 10 3.05 1.13 2.92
C HIS A 10 1.61 0.78 2.59
N ILE A 11 0.63 1.42 3.26
CA ILE A 11 -0.78 1.09 3.17
C ILE A 11 -1.36 1.53 1.84
N GLN A 12 -0.79 2.58 1.21
CA GLN A 12 -1.22 3.14 -0.05
C GLN A 12 -0.90 2.19 -1.17
N VAL A 13 0.26 1.50 -1.05
CA VAL A 13 0.78 0.57 -2.04
C VAL A 13 0.02 -0.73 -1.98
N LYS A 14 -0.45 -1.10 -0.77
CA LYS A 14 -1.20 -2.31 -0.50
C LYS A 14 -2.58 -2.25 -1.11
N VAL A 15 -3.16 -1.03 -1.21
CA VAL A 15 -4.46 -0.79 -1.83
C VAL A 15 -4.32 -0.89 -3.33
N PHE A 16 -3.17 -0.43 -3.89
CA PHE A 16 -2.92 -0.44 -5.32
C PHE A 16 -2.83 -1.84 -5.85
N ASN A 17 -1.96 -2.70 -5.25
CA ASN A 17 -1.69 -4.03 -5.77
C ASN A 17 -2.76 -5.03 -5.42
N HIS A 18 -3.75 -4.64 -4.60
CA HIS A 18 -4.88 -5.46 -4.26
C HIS A 18 -5.84 -5.49 -5.44
N GLY A 19 -6.24 -4.31 -5.93
CA GLY A 19 -7.27 -4.18 -6.93
C GLY A 19 -6.71 -4.22 -8.32
N GLU A 20 -5.54 -3.57 -8.54
CA GLU A 20 -5.01 -3.33 -9.85
C GLU A 20 -4.00 -4.39 -10.19
N HIS A 21 -3.16 -4.74 -9.19
CA HIS A 21 -2.11 -5.73 -9.24
C HIS A 21 -0.91 -5.28 -10.03
N ILE A 22 0.29 -5.67 -9.53
CA ILE A 22 1.60 -5.24 -9.98
C ILE A 22 1.72 -3.74 -9.79
N HIS A 23 1.72 -3.32 -8.49
CA HIS A 23 1.69 -1.95 -8.06
C HIS A 23 0.41 -1.29 -8.54
N HIS A 24 0.52 -0.05 -9.07
CA HIS A 24 -0.56 0.66 -9.69
C HIS A 24 -0.49 0.32 -11.19
N NH2 A 25 -1.51 -0.43 -11.70
HN1 NH2 A 25 -1.50 -0.69 -12.66
HN2 NH2 A 25 -2.26 -0.72 -11.10
C ACE A 1 4.82 3.93 12.13
O ACE A 1 4.19 3.24 12.92
CH3 ACE A 1 6.27 3.65 11.90
H1 ACE A 1 6.48 3.44 10.83
H2 ACE A 1 6.89 4.52 12.22
H3 ACE A 1 6.59 2.76 12.49
N PHE A 2 4.22 4.93 11.43
CA PHE A 2 4.84 5.77 10.42
C PHE A 2 5.58 6.87 11.13
N GLU A 3 6.84 7.10 10.70
CA GLU A 3 7.66 8.17 11.17
C GLU A 3 8.61 8.41 10.04
N ASP A 4 9.68 7.59 9.97
CA ASP A 4 10.65 7.59 8.90
C ASP A 4 10.29 6.45 7.98
N LEU A 5 9.83 5.35 8.59
CA LEU A 5 9.53 4.10 7.94
C LEU A 5 8.19 4.20 7.26
N PRO A 6 8.01 3.76 6.03
CA PRO A 6 6.71 3.53 5.43
C PRO A 6 6.02 2.35 6.07
N ASN A 7 5.14 2.60 7.06
CA ASN A 7 4.33 1.61 7.72
C ASN A 7 2.94 1.82 7.23
N PHE A 8 2.44 3.03 7.51
CA PHE A 8 1.15 3.53 7.07
C PHE A 8 1.32 4.31 5.80
N GLY A 9 2.56 4.34 5.26
CA GLY A 9 2.87 4.84 3.94
C GLY A 9 2.78 3.68 2.98
N HIS A 10 3.16 2.47 3.45
CA HIS A 10 3.20 1.27 2.67
C HIS A 10 1.89 0.53 2.75
N ILE A 11 0.92 1.02 3.57
CA ILE A 11 -0.39 0.42 3.72
C ILE A 11 -1.27 0.79 2.53
N GLN A 12 -0.90 1.91 1.85
CA GLN A 12 -1.54 2.42 0.66
C GLN A 12 -1.19 1.53 -0.50
N VAL A 13 0.04 0.97 -0.50
CA VAL A 13 0.62 0.16 -1.55
C VAL A 13 -0.04 -1.20 -1.58
N LYS A 14 -0.64 -1.62 -0.44
CA LYS A 14 -1.36 -2.87 -0.32
C LYS A 14 -2.67 -2.80 -1.06
N VAL A 15 -3.35 -1.63 -0.97
CA VAL A 15 -4.63 -1.36 -1.60
C VAL A 15 -4.43 -1.15 -3.09
N PHE A 16 -3.25 -0.56 -3.46
CA PHE A 16 -2.89 -0.27 -4.82
C PHE A 16 -2.66 -1.56 -5.59
N ASN A 17 -1.93 -2.52 -4.99
CA ASN A 17 -1.57 -3.78 -5.61
C ASN A 17 -2.73 -4.73 -5.63
N HIS A 18 -3.76 -4.49 -4.78
CA HIS A 18 -4.96 -5.31 -4.73
C HIS A 18 -5.85 -5.00 -5.90
N GLY A 19 -5.98 -3.69 -6.25
CA GLY A 19 -6.83 -3.23 -7.31
C GLY A 19 -6.15 -3.33 -8.65
N GLU A 20 -4.80 -3.39 -8.65
CA GLU A 20 -3.99 -3.47 -9.84
C GLU A 20 -3.92 -4.92 -10.25
N HIS A 21 -3.22 -5.75 -9.45
CA HIS A 21 -3.08 -7.16 -9.68
C HIS A 21 -4.26 -7.85 -9.05
N ILE A 22 -5.13 -8.44 -9.90
CA ILE A 22 -6.33 -9.13 -9.48
C ILE A 22 -5.93 -10.55 -9.27
N HIS A 23 -5.48 -11.17 -10.37
CA HIS A 23 -5.02 -12.52 -10.46
C HIS A 23 -3.54 -12.55 -10.25
N HIS A 24 -2.93 -13.75 -10.37
CA HIS A 24 -1.51 -13.95 -10.21
C HIS A 24 -0.83 -13.58 -11.55
N NH2 A 25 0.07 -12.56 -11.51
HN1 NH2 A 25 0.27 -12.10 -10.64
HN2 NH2 A 25 0.54 -12.28 -12.35
C ACE A 1 16.96 1.72 12.32
O ACE A 1 17.44 1.23 11.30
CH3 ACE A 1 17.10 3.18 12.61
H1 ACE A 1 17.90 3.34 13.38
H2 ACE A 1 17.38 3.72 11.68
H3 ACE A 1 16.15 3.59 13.00
N PHE A 2 16.28 1.00 13.24
CA PHE A 2 16.01 -0.43 13.12
C PHE A 2 14.77 -0.55 12.28
N GLU A 3 13.60 -0.21 12.86
CA GLU A 3 12.34 -0.17 12.16
C GLU A 3 12.14 1.28 11.81
N ASP A 4 12.63 1.66 10.62
CA ASP A 4 12.57 3.01 10.12
C ASP A 4 12.19 2.85 8.68
N LEU A 5 10.91 2.46 8.45
CA LEU A 5 10.34 2.31 7.14
C LEU A 5 9.10 3.15 7.13
N PRO A 6 8.55 3.57 5.99
CA PRO A 6 7.23 4.16 5.90
C PRO A 6 6.20 3.06 6.02
N ASN A 7 5.78 2.73 7.25
CA ASN A 7 4.90 1.61 7.54
C ASN A 7 3.48 1.96 7.25
N PHE A 8 3.16 3.27 7.35
CA PHE A 8 1.88 3.83 6.99
C PHE A 8 1.80 3.96 5.49
N GLY A 9 2.96 4.19 4.83
CA GLY A 9 3.05 4.30 3.40
C GLY A 9 2.83 2.99 2.71
N HIS A 10 3.11 1.86 3.40
CA HIS A 10 2.95 0.53 2.87
C HIS A 10 1.51 0.06 2.95
N ILE A 11 0.63 0.83 3.63
CA ILE A 11 -0.77 0.53 3.77
C ILE A 11 -1.45 0.95 2.49
N GLN A 12 -1.10 2.14 1.95
CA GLN A 12 -1.69 2.67 0.73
C GLN A 12 -1.23 1.88 -0.47
N VAL A 13 0.02 1.36 -0.44
CA VAL A 13 0.62 0.59 -1.51
C VAL A 13 -0.05 -0.75 -1.65
N LYS A 14 -0.50 -1.31 -0.51
CA LYS A 14 -1.18 -2.57 -0.41
C LYS A 14 -2.53 -2.55 -1.10
N VAL A 15 -3.25 -1.41 -1.00
CA VAL A 15 -4.57 -1.20 -1.58
C VAL A 15 -4.44 -1.07 -3.08
N PHE A 16 -3.38 -0.40 -3.57
CA PHE A 16 -3.15 -0.17 -4.98
C PHE A 16 -2.83 -1.46 -5.69
N ASN A 17 -1.99 -2.30 -5.05
CA ASN A 17 -1.48 -3.55 -5.59
C ASN A 17 -2.57 -4.60 -5.63
N HIS A 18 -3.51 -4.54 -4.66
CA HIS A 18 -4.64 -5.44 -4.55
C HIS A 18 -5.63 -5.17 -5.65
N GLY A 19 -5.79 -3.89 -6.04
CA GLY A 19 -6.70 -3.46 -7.07
C GLY A 19 -6.17 -3.82 -8.43
N GLU A 20 -4.89 -3.43 -8.72
CA GLU A 20 -4.27 -3.69 -10.00
C GLU A 20 -2.80 -3.85 -9.72
N HIS A 21 -2.07 -2.73 -9.62
CA HIS A 21 -0.65 -2.73 -9.43
C HIS A 21 -0.32 -1.43 -8.77
N ILE A 22 0.99 -1.15 -8.56
CA ILE A 22 1.49 0.03 -7.89
C ILE A 22 1.88 1.00 -8.99
N HIS A 23 0.93 1.24 -9.91
CA HIS A 23 1.03 2.21 -10.98
C HIS A 23 0.77 3.57 -10.41
N HIS A 24 -0.13 3.65 -9.41
CA HIS A 24 -0.46 4.85 -8.70
C HIS A 24 0.64 5.13 -7.65
N NH2 A 25 0.86 4.16 -6.71
HN1 NH2 A 25 1.57 4.29 -6.03
HN2 NH2 A 25 0.31 3.33 -6.73
#